data_6EWZ
#
_entry.id   6EWZ
#
_cell.length_a   125.120
_cell.length_b   125.120
_cell.length_c   219.070
_cell.angle_alpha   90.000
_cell.angle_beta   90.000
_cell.angle_gamma   90.000
#
_symmetry.space_group_name_H-M   'I 41 2 2'
#
loop_
_entity.id
_entity.type
_entity.pdbx_description
1 polymer 'GTP pyrophosphokinase'
2 non-polymer "GUANOSINE-5'-TRIPHOSPHATE"
3 non-polymer 'DIPHOSPHOMETHYLPHOSPHONIC ACID ADENOSYL ESTER'
4 non-polymer 'MAGNESIUM ION'
5 non-polymer 'FE (III) ION'
6 water water
#
_entity_poly.entity_id   1
_entity_poly.type   'polypeptide(L)'
_entity_poly.pdbx_seq_one_letter_code
;MYVDRKPSLYLEDLRHDFKNSLSKFENGDEAFDTLLGFVELDHIYSSALKEISTKLSILDDNFNHIYKHNPIHHMERRVK
EMRSLIEKLNRKGLQISAETAKEHILDIAGIRVVCNYLDDIYLIEEMLLKQEDVQLIKRKDYIQHPKENGYRSLHIVVSI
PVFLAERVEVLPVEIQIRTIGMDMWASLEHKIRYKNNAETEKYRDLLKECATEITEVEDKLQQIHSEITEGHHHHHH
;
_entity_poly.pdbx_strand_id   A,B
#
# COMPACT_ATOMS: atom_id res chain seq x y z
N ASP A 29 17.53 -1.30 -37.66
CA ASP A 29 17.17 -1.37 -36.24
C ASP A 29 16.51 -0.10 -35.76
N GLU A 30 15.25 0.13 -36.16
CA GLU A 30 14.53 1.32 -35.74
C GLU A 30 13.72 1.13 -34.47
N ALA A 31 13.59 -0.11 -33.97
CA ALA A 31 12.69 -0.38 -32.86
C ALA A 31 13.13 0.33 -31.59
N PHE A 32 12.65 1.57 -31.41
CA PHE A 32 12.77 2.34 -30.19
C PHE A 32 11.58 2.10 -29.28
N ASP A 33 10.47 1.63 -29.87
CA ASP A 33 9.27 1.31 -29.13
C ASP A 33 9.43 0.07 -28.26
N THR A 34 10.45 -0.75 -28.53
CA THR A 34 10.75 -1.84 -27.61
C THR A 34 11.22 -1.28 -26.28
N LEU A 35 11.98 -0.19 -26.32
CA LEU A 35 12.43 0.42 -25.07
C LEU A 35 11.26 1.00 -24.30
N LEU A 36 10.36 1.71 -24.98
CA LEU A 36 9.15 2.19 -24.32
C LEU A 36 8.37 1.03 -23.72
N GLY A 37 8.36 -0.13 -24.39
CA GLY A 37 7.64 -1.26 -23.85
C GLY A 37 8.16 -1.64 -22.48
N PHE A 38 9.49 -1.65 -22.32
CA PHE A 38 10.07 -2.05 -21.05
C PHE A 38 9.88 -0.99 -19.98
N VAL A 39 9.85 0.29 -20.37
CA VAL A 39 9.60 1.36 -19.39
C VAL A 39 8.20 1.23 -18.80
N GLU A 40 7.21 0.87 -19.62
CA GLU A 40 5.87 0.58 -19.09
C GLU A 40 5.92 -0.53 -18.05
N LEU A 41 6.61 -1.63 -18.37
CA LEU A 41 6.75 -2.77 -17.46
C LEU A 41 7.27 -2.34 -16.09
N ASP A 42 8.35 -1.56 -16.07
CA ASP A 42 8.91 -1.11 -14.80
C ASP A 42 7.87 -0.40 -13.97
N HIS A 43 7.06 0.44 -14.61
CA HIS A 43 6.07 1.25 -13.92
C HIS A 43 4.96 0.39 -13.32
N ILE A 44 4.41 -0.54 -14.10
CA ILE A 44 3.26 -1.26 -13.59
C ILE A 44 3.65 -2.35 -12.59
N TYR A 45 4.81 -2.99 -12.78
CA TYR A 45 5.30 -3.96 -11.80
C TYR A 45 5.71 -3.30 -10.49
N SER A 46 6.22 -2.06 -10.55
CA SER A 46 6.45 -1.33 -9.31
C SER A 46 5.14 -1.13 -8.54
N SER A 47 4.05 -0.88 -9.26
CA SER A 47 2.75 -0.75 -8.60
C SER A 47 2.30 -2.07 -7.99
N ALA A 48 2.54 -3.19 -8.68
CA ALA A 48 2.21 -4.49 -8.09
C ALA A 48 2.94 -4.72 -6.77
N LEU A 49 4.21 -4.28 -6.68
CA LEU A 49 4.95 -4.41 -5.43
C LEU A 49 4.29 -3.64 -4.30
N LYS A 50 3.80 -2.43 -4.59
CA LYS A 50 3.11 -1.66 -3.55
C LYS A 50 1.87 -2.39 -3.04
N GLU A 51 1.11 -3.01 -3.96
CA GLU A 51 -0.10 -3.72 -3.55
C GLU A 51 0.22 -4.88 -2.60
N ILE A 52 1.20 -5.71 -2.97
N ILE A 52 1.22 -5.69 -2.95
CA ILE A 52 1.57 -6.85 -2.12
CA ILE A 52 1.55 -6.86 -2.13
C ILE A 52 2.16 -6.37 -0.81
C ILE A 52 2.22 -6.44 -0.83
N SER A 53 3.09 -5.42 -0.87
CA SER A 53 3.71 -4.90 0.35
C SER A 53 2.66 -4.48 1.38
N THR A 54 1.65 -3.73 0.92
CA THR A 54 0.57 -3.31 1.81
C THR A 54 -0.18 -4.51 2.40
N LYS A 55 -0.45 -5.54 1.59
CA LYS A 55 -1.09 -6.76 2.10
C LYS A 55 -0.25 -7.40 3.20
N LEU A 56 1.05 -7.56 2.91
CA LEU A 56 1.94 -8.21 3.87
C LEU A 56 2.06 -7.37 5.15
N SER A 57 2.23 -6.05 5.01
CA SER A 57 2.32 -5.22 6.21
C SER A 57 1.08 -5.37 7.07
N ILE A 58 -0.10 -5.39 6.45
CA ILE A 58 -1.33 -5.52 7.21
C ILE A 58 -1.40 -6.88 7.92
N LEU A 59 -1.01 -7.96 7.23
CA LEU A 59 -1.02 -9.28 7.87
C LEU A 59 -0.08 -9.34 9.08
N ASP A 60 1.16 -8.87 8.92
CA ASP A 60 2.11 -8.86 10.03
C ASP A 60 1.59 -8.08 11.22
N ASP A 61 1.04 -6.90 10.96
CA ASP A 61 0.55 -6.03 12.03
C ASP A 61 -0.64 -6.63 12.74
N ASN A 62 -1.56 -7.23 11.99
CA ASN A 62 -2.73 -7.85 12.62
C ASN A 62 -2.33 -9.09 13.42
N PHE A 63 -1.44 -9.93 12.87
CA PHE A 63 -0.99 -11.08 13.64
C PHE A 63 -0.34 -10.64 14.94
N ASN A 64 0.52 -9.62 14.86
CA ASN A 64 1.14 -9.09 16.07
C ASN A 64 0.09 -8.56 17.03
N HIS A 65 -0.92 -7.86 16.50
CA HIS A 65 -1.98 -7.34 17.35
C HIS A 65 -2.67 -8.45 18.13
N ILE A 66 -2.87 -9.61 17.51
CA ILE A 66 -3.61 -10.73 18.13
C ILE A 66 -2.70 -11.58 19.01
N TYR A 67 -1.55 -12.01 18.48
CA TYR A 67 -0.70 -13.00 19.12
C TYR A 67 0.57 -12.42 19.73
N LYS A 68 0.83 -11.11 19.57
CA LYS A 68 1.98 -10.47 20.18
C LYS A 68 3.30 -10.97 19.61
N HIS A 69 3.29 -11.38 18.34
CA HIS A 69 4.49 -11.76 17.63
C HIS A 69 4.40 -11.18 16.22
N ASN A 70 5.48 -10.52 15.77
CA ASN A 70 5.61 -10.11 14.37
C ASN A 70 6.30 -11.21 13.59
N PRO A 71 5.62 -11.92 12.71
CA PRO A 71 6.31 -12.94 11.89
C PRO A 71 7.32 -12.34 10.93
N ILE A 72 7.14 -11.11 10.48
CA ILE A 72 8.04 -10.51 9.50
C ILE A 72 9.10 -9.68 10.23
N HIS A 73 10.36 -9.95 9.92
CA HIS A 73 11.43 -9.08 10.41
C HIS A 73 11.56 -7.84 9.53
N HIS A 74 11.64 -8.03 8.22
CA HIS A 74 11.68 -6.90 7.29
C HIS A 74 11.39 -7.43 5.89
N MET A 75 11.25 -6.50 4.95
CA MET A 75 10.94 -6.82 3.57
C MET A 75 11.82 -6.00 2.65
N GLU A 76 12.10 -6.55 1.47
CA GLU A 76 12.91 -5.86 0.46
C GLU A 76 12.21 -6.08 -0.88
N ARG A 77 12.07 -5.00 -1.64
CA ARG A 77 11.39 -5.00 -2.92
C ARG A 77 12.38 -4.56 -4.00
N ARG A 78 12.24 -5.11 -5.20
CA ARG A 78 13.01 -4.56 -6.32
C ARG A 78 12.29 -4.93 -7.59
N VAL A 79 12.27 -4.00 -8.55
CA VAL A 79 11.87 -4.28 -9.91
C VAL A 79 13.12 -4.60 -10.70
N LYS A 80 13.10 -5.70 -11.43
CA LYS A 80 14.25 -6.14 -12.23
C LYS A 80 14.74 -5.03 -13.16
N GLU A 81 16.04 -4.76 -13.13
CA GLU A 81 16.61 -3.79 -14.06
C GLU A 81 16.46 -4.30 -15.48
N MET A 82 16.31 -3.35 -16.42
CA MET A 82 16.09 -3.73 -17.81
C MET A 82 17.22 -4.57 -18.36
N ARG A 83 18.47 -4.24 -18.01
CA ARG A 83 19.62 -5.01 -18.43
C ARG A 83 19.53 -6.45 -17.95
N SER A 84 19.23 -6.63 -16.67
CA SER A 84 19.07 -7.97 -16.11
C SER A 84 17.93 -8.72 -16.81
N LEU A 85 16.85 -7.99 -17.16
CA LEU A 85 15.71 -8.62 -17.81
C LEU A 85 16.07 -9.09 -19.23
N ILE A 86 16.76 -8.23 -20.00
CA ILE A 86 17.15 -8.61 -21.35
C ILE A 86 18.10 -9.81 -21.33
N GLU A 87 19.04 -9.83 -20.37
CA GLU A 87 19.94 -10.97 -20.27
C GLU A 87 19.16 -12.25 -19.95
N LYS A 88 18.18 -12.17 -19.06
CA LYS A 88 17.40 -13.37 -18.72
C LYS A 88 16.62 -13.86 -19.93
N LEU A 89 15.99 -12.94 -20.66
CA LEU A 89 15.28 -13.29 -21.89
C LEU A 89 16.22 -13.98 -22.88
N ASN A 90 17.42 -13.43 -23.07
CA ASN A 90 18.40 -14.07 -23.96
C ASN A 90 18.82 -15.43 -23.43
N ARG A 91 19.08 -15.53 -22.13
CA ARG A 91 19.49 -16.80 -21.53
C ARG A 91 18.48 -17.90 -21.82
N LYS A 92 17.20 -17.55 -21.84
CA LYS A 92 16.10 -18.49 -22.01
C LYS A 92 15.67 -18.66 -23.46
N GLY A 93 16.31 -17.98 -24.41
CA GLY A 93 15.91 -18.10 -25.81
C GLY A 93 14.64 -17.38 -26.19
N LEU A 94 14.21 -16.38 -25.41
CA LEU A 94 12.94 -15.70 -25.61
C LEU A 94 13.15 -14.40 -26.38
N GLN A 95 12.09 -13.94 -27.05
CA GLN A 95 12.15 -12.68 -27.79
C GLN A 95 12.42 -11.52 -26.85
N ILE A 96 13.06 -10.47 -27.38
CA ILE A 96 13.37 -9.27 -26.59
C ILE A 96 12.19 -8.33 -26.77
N SER A 97 11.12 -8.58 -26.01
CA SER A 97 9.94 -7.74 -26.07
C SER A 97 9.20 -7.77 -24.74
N ALA A 98 8.48 -6.68 -24.48
CA ALA A 98 7.71 -6.53 -23.23
C ALA A 98 6.57 -7.53 -23.14
N GLU A 99 5.85 -7.76 -24.26
CA GLU A 99 4.79 -8.78 -24.25
C GLU A 99 5.35 -10.13 -23.84
N THR A 100 6.52 -10.50 -24.36
N THR A 100 6.51 -10.50 -24.38
CA THR A 100 7.08 -11.80 -24.02
CA THR A 100 7.10 -11.78 -24.03
C THR A 100 7.58 -11.81 -22.58
C THR A 100 7.54 -11.78 -22.57
N ALA A 101 8.16 -10.69 -22.13
CA ALA A 101 8.58 -10.60 -20.74
C ALA A 101 7.40 -10.75 -19.81
N LYS A 102 6.32 -10.01 -20.08
CA LYS A 102 5.17 -10.07 -19.20
C LYS A 102 4.57 -11.48 -19.16
N GLU A 103 4.64 -12.21 -20.28
CA GLU A 103 4.09 -13.56 -20.29
C GLU A 103 4.99 -14.58 -19.59
N HIS A 104 6.31 -14.49 -19.79
CA HIS A 104 7.18 -15.60 -19.46
C HIS A 104 8.15 -15.35 -18.31
N ILE A 105 8.39 -14.10 -17.90
CA ILE A 105 9.33 -13.78 -16.81
C ILE A 105 8.51 -13.43 -15.57
N LEU A 106 8.61 -14.26 -14.53
CA LEU A 106 7.75 -14.15 -13.35
C LEU A 106 8.34 -13.35 -12.20
N ASP A 107 9.61 -12.92 -12.28
CA ASP A 107 10.26 -12.18 -11.20
C ASP A 107 10.59 -10.74 -11.58
N ILE A 108 9.87 -10.15 -12.54
CA ILE A 108 10.08 -8.73 -12.83
C ILE A 108 9.85 -7.91 -11.56
N ALA A 109 8.74 -8.19 -10.87
CA ALA A 109 8.52 -7.69 -9.52
C ALA A 109 8.98 -8.77 -8.54
N GLY A 110 9.92 -8.41 -7.66
CA GLY A 110 10.31 -9.33 -6.60
C GLY A 110 10.21 -8.73 -5.21
N ILE A 111 9.64 -9.47 -4.27
CA ILE A 111 9.68 -9.07 -2.88
C ILE A 111 10.28 -10.21 -2.05
N ARG A 112 11.11 -9.83 -1.09
CA ARG A 112 11.74 -10.78 -0.18
C ARG A 112 11.20 -10.48 1.21
N VAL A 113 10.58 -11.47 1.82
CA VAL A 113 9.99 -11.39 3.14
C VAL A 113 10.91 -12.15 4.07
N VAL A 114 11.65 -11.43 4.91
CA VAL A 114 12.53 -12.06 5.89
C VAL A 114 11.77 -12.21 7.20
N CYS A 115 11.66 -13.45 7.68
CA CYS A 115 10.86 -13.77 8.86
C CYS A 115 11.76 -14.01 10.06
N ASN A 116 11.14 -13.89 11.25
CA ASN A 116 11.88 -14.06 12.50
C ASN A 116 12.17 -15.53 12.81
N TYR A 117 11.22 -16.42 12.55
CA TYR A 117 11.39 -17.84 12.87
C TYR A 117 10.87 -18.69 11.71
N LEU A 118 11.36 -19.93 11.66
CA LEU A 118 11.06 -20.83 10.55
C LEU A 118 9.57 -21.00 10.30
N ASP A 119 8.78 -21.23 11.36
CA ASP A 119 7.35 -21.44 11.17
C ASP A 119 6.64 -20.17 10.67
N ASP A 120 7.21 -18.99 10.90
CA ASP A 120 6.63 -17.77 10.33
C ASP A 120 6.52 -17.85 8.81
N ILE A 121 7.50 -18.49 8.16
CA ILE A 121 7.51 -18.56 6.71
C ILE A 121 6.19 -19.14 6.18
N TYR A 122 5.79 -20.29 6.72
CA TYR A 122 4.60 -20.95 6.21
C TYR A 122 3.33 -20.29 6.72
N LEU A 123 3.39 -19.66 7.89
CA LEU A 123 2.26 -18.85 8.33
C LEU A 123 1.99 -17.72 7.34
N ILE A 124 3.04 -17.02 6.91
CA ILE A 124 2.86 -15.92 5.96
C ILE A 124 2.24 -16.42 4.67
N GLU A 125 2.78 -17.51 4.12
CA GLU A 125 2.22 -18.07 2.89
C GLU A 125 0.73 -18.36 3.06
N GLU A 126 0.38 -19.07 4.13
CA GLU A 126 -1.01 -19.44 4.34
C GLU A 126 -1.91 -18.19 4.44
N MET A 127 -1.49 -17.20 5.21
CA MET A 127 -2.34 -16.02 5.39
C MET A 127 -2.54 -15.28 4.07
N LEU A 128 -1.49 -15.19 3.25
CA LEU A 128 -1.61 -14.45 2.00
C LEU A 128 -2.46 -15.20 0.98
N LEU A 129 -2.23 -16.51 0.81
CA LEU A 129 -2.94 -17.25 -0.24
C LEU A 129 -4.43 -17.38 0.05
N LYS A 130 -4.84 -17.28 1.32
CA LYS A 130 -6.27 -17.27 1.65
C LYS A 130 -7.01 -16.09 1.03
N GLN A 131 -6.33 -15.00 0.68
CA GLN A 131 -7.02 -13.79 0.22
C GLN A 131 -7.61 -14.01 -1.17
N GLU A 132 -8.80 -13.46 -1.40
CA GLU A 132 -9.56 -13.82 -2.59
C GLU A 132 -8.98 -13.24 -3.88
N ASP A 133 -8.23 -12.14 -3.82
CA ASP A 133 -7.64 -11.59 -5.04
C ASP A 133 -6.17 -11.96 -5.21
N VAL A 134 -5.68 -12.94 -4.47
CA VAL A 134 -4.31 -13.45 -4.63
C VAL A 134 -4.40 -14.88 -5.15
N GLN A 135 -3.79 -15.16 -6.30
CA GLN A 135 -3.78 -16.51 -6.86
C GLN A 135 -2.35 -17.04 -6.89
N LEU A 136 -2.17 -18.29 -6.47
CA LEU A 136 -0.85 -18.91 -6.55
C LEU A 136 -0.55 -19.35 -7.98
N ILE A 137 0.64 -19.00 -8.47
CA ILE A 137 1.04 -19.29 -9.85
C ILE A 137 2.15 -20.34 -9.89
N LYS A 138 3.08 -20.30 -8.94
CA LYS A 138 4.23 -21.18 -8.96
C LYS A 138 4.77 -21.27 -7.54
N ARG A 139 5.24 -22.46 -7.16
CA ARG A 139 5.72 -22.69 -5.81
C ARG A 139 6.95 -23.58 -5.87
N LYS A 140 8.05 -23.11 -5.29
CA LYS A 140 9.27 -23.92 -5.17
C LYS A 140 9.74 -23.85 -3.72
N ASP A 141 9.83 -24.98 -3.05
CA ASP A 141 10.20 -25.02 -1.63
C ASP A 141 11.62 -25.57 -1.48
N TYR A 142 12.59 -24.66 -1.36
CA TYR A 142 13.97 -25.03 -1.07
C TYR A 142 14.26 -25.19 0.42
N ILE A 143 13.24 -25.09 1.27
CA ILE A 143 13.44 -25.45 2.68
C ILE A 143 13.30 -26.95 2.88
N GLN A 144 12.22 -27.56 2.39
CA GLN A 144 12.11 -29.01 2.47
C GLN A 144 13.11 -29.69 1.55
N HIS A 145 13.53 -29.02 0.48
CA HIS A 145 14.45 -29.62 -0.49
C HIS A 145 15.51 -28.59 -0.85
N PRO A 146 16.48 -28.38 0.04
CA PRO A 146 17.52 -27.37 -0.19
C PRO A 146 18.31 -27.66 -1.47
N LYS A 147 18.78 -26.59 -2.10
CA LYS A 147 19.65 -26.75 -3.26
C LYS A 147 20.96 -27.39 -2.82
N GLU A 148 21.67 -27.96 -3.81
CA GLU A 148 22.93 -28.65 -3.54
C GLU A 148 23.91 -27.75 -2.78
N ASN A 149 23.96 -26.45 -3.12
CA ASN A 149 24.93 -25.60 -2.42
C ASN A 149 24.51 -25.28 -0.99
N GLY A 150 23.29 -25.64 -0.59
CA GLY A 150 22.79 -25.34 0.73
C GLY A 150 21.75 -24.23 0.79
N TYR A 151 21.37 -23.64 -0.35
CA TYR A 151 20.38 -22.57 -0.38
C TYR A 151 19.02 -23.05 0.11
N ARG A 152 18.39 -22.26 0.99
N ARG A 152 18.40 -22.25 1.00
CA ARG A 152 17.04 -22.52 1.46
CA ARG A 152 17.06 -22.47 1.52
C ARG A 152 16.22 -21.23 1.42
C ARG A 152 16.24 -21.19 1.36
N SER A 153 14.96 -21.37 0.99
CA SER A 153 13.96 -20.30 0.91
C SER A 153 12.68 -20.94 0.38
N LEU A 154 11.52 -20.36 0.69
CA LEU A 154 10.27 -20.72 0.03
C LEU A 154 9.97 -19.65 -1.02
N HIS A 155 9.80 -20.05 -2.27
CA HIS A 155 9.54 -19.13 -3.37
C HIS A 155 8.10 -19.32 -3.83
N ILE A 156 7.29 -18.27 -3.79
CA ILE A 156 5.95 -18.33 -4.37
C ILE A 156 5.75 -17.16 -5.32
N VAL A 157 5.29 -17.45 -6.53
CA VAL A 157 4.85 -16.42 -7.46
C VAL A 157 3.33 -16.33 -7.32
N VAL A 158 2.84 -15.12 -7.06
CA VAL A 158 1.40 -14.88 -6.97
C VAL A 158 1.06 -13.78 -7.95
N SER A 159 -0.22 -13.76 -8.34
CA SER A 159 -0.78 -12.68 -9.12
C SER A 159 -1.62 -11.76 -8.22
N ILE A 160 -1.65 -10.48 -8.57
CA ILE A 160 -2.50 -9.50 -7.89
C ILE A 160 -3.03 -8.49 -8.90
N PRO A 161 -4.23 -7.97 -8.65
CA PRO A 161 -4.75 -6.92 -9.54
C PRO A 161 -4.12 -5.58 -9.21
N VAL A 162 -3.81 -4.83 -10.27
CA VAL A 162 -3.30 -3.47 -10.15
C VAL A 162 -4.27 -2.57 -10.88
N PHE A 163 -4.90 -1.65 -10.16
CA PHE A 163 -5.91 -0.75 -10.73
C PHE A 163 -5.21 0.53 -11.18
N LEU A 164 -5.02 0.65 -12.48
N LEU A 164 -5.03 0.66 -12.49
CA LEU A 164 -4.38 1.81 -13.09
CA LEU A 164 -4.36 1.83 -13.05
C LEU A 164 -5.44 2.84 -13.50
C LEU A 164 -5.36 2.96 -13.25
N ALA A 165 -4.97 3.97 -14.03
CA ALA A 165 -5.89 5.07 -14.32
C ALA A 165 -6.98 4.65 -15.31
N GLU A 166 -6.65 3.82 -16.30
CA GLU A 166 -7.61 3.52 -17.35
C GLU A 166 -7.77 2.02 -17.61
N ARG A 167 -7.12 1.15 -16.85
CA ARG A 167 -7.25 -0.28 -17.06
C ARG A 167 -6.82 -0.99 -15.78
N VAL A 168 -7.09 -2.30 -15.75
CA VAL A 168 -6.64 -3.21 -14.70
C VAL A 168 -5.63 -4.16 -15.31
N GLU A 169 -4.53 -4.39 -14.59
CA GLU A 169 -3.55 -5.42 -14.93
C GLU A 169 -3.51 -6.43 -13.80
N VAL A 170 -3.47 -7.71 -14.15
CA VAL A 170 -3.29 -8.79 -13.19
C VAL A 170 -1.85 -9.30 -13.38
N LEU A 171 -0.99 -9.06 -12.40
CA LEU A 171 0.43 -9.20 -12.61
C LEU A 171 1.04 -10.17 -11.62
N PRO A 172 2.03 -10.97 -12.04
CA PRO A 172 2.74 -11.82 -11.09
C PRO A 172 3.78 -11.07 -10.27
N VAL A 173 3.97 -11.56 -9.05
CA VAL A 173 4.99 -11.05 -8.13
C VAL A 173 5.70 -12.27 -7.53
N GLU A 174 7.03 -12.32 -7.64
CA GLU A 174 7.81 -13.40 -7.04
C GLU A 174 8.14 -13.04 -5.59
N ILE A 175 7.66 -13.84 -4.65
CA ILE A 175 7.90 -13.62 -3.22
C ILE A 175 8.90 -14.68 -2.75
N GLN A 176 10.07 -14.23 -2.29
CA GLN A 176 11.02 -15.09 -1.62
C GLN A 176 10.82 -14.99 -0.12
N ILE A 177 10.43 -16.08 0.53
CA ILE A 177 10.17 -16.08 1.98
C ILE A 177 11.25 -16.91 2.66
N ARG A 178 11.90 -16.32 3.67
CA ARG A 178 13.06 -16.96 4.29
C ARG A 178 13.25 -16.44 5.71
N THR A 179 14.03 -17.16 6.51
CA THR A 179 14.36 -16.66 7.84
C THR A 179 15.53 -15.68 7.77
N ILE A 180 15.76 -15.00 8.88
CA ILE A 180 16.95 -14.15 9.01
C ILE A 180 18.22 -14.92 8.66
N GLY A 181 18.35 -16.15 9.20
CA GLY A 181 19.54 -16.94 8.94
C GLY A 181 19.70 -17.32 7.47
N MET A 182 18.60 -17.76 6.84
CA MET A 182 18.66 -18.06 5.41
C MET A 182 19.12 -16.85 4.61
N ASP A 183 18.62 -15.67 4.98
CA ASP A 183 18.98 -14.43 4.30
C ASP A 183 20.45 -14.09 4.49
N MET A 184 20.94 -14.13 5.73
CA MET A 184 22.39 -13.96 5.96
C MET A 184 23.21 -14.91 5.08
N TRP A 185 22.81 -16.18 5.03
CA TRP A 185 23.57 -17.15 4.25
C TRP A 185 23.52 -16.82 2.77
N ALA A 186 22.32 -16.55 2.25
CA ALA A 186 22.14 -16.28 0.82
C ALA A 186 22.90 -15.02 0.37
N SER A 187 22.88 -13.96 1.18
CA SER A 187 23.64 -12.76 0.82
C SER A 187 25.12 -13.08 0.66
N LEU A 188 25.68 -13.89 1.56
CA LEU A 188 27.10 -14.21 1.43
C LEU A 188 27.38 -15.08 0.21
N GLU A 189 26.55 -16.11 0.00
CA GLU A 189 26.76 -16.99 -1.15
C GLU A 189 26.61 -16.23 -2.46
N HIS A 190 25.65 -15.32 -2.52
CA HIS A 190 25.49 -14.46 -3.70
C HIS A 190 26.76 -13.67 -3.96
N LYS A 191 27.35 -13.08 -2.92
CA LYS A 191 28.51 -12.25 -3.14
C LYS A 191 29.70 -13.07 -3.64
N ILE A 192 29.82 -14.32 -3.17
CA ILE A 192 30.85 -15.20 -3.72
C ILE A 192 30.54 -15.54 -5.16
N ARG A 193 29.34 -16.08 -5.41
CA ARG A 193 28.99 -16.52 -6.75
C ARG A 193 29.15 -15.42 -7.79
N TYR A 194 28.89 -14.17 -7.41
CA TYR A 194 29.02 -13.09 -8.39
C TYR A 194 30.44 -12.53 -8.45
N LYS A 195 31.45 -13.39 -8.25
CA LYS A 195 32.85 -13.09 -8.57
C LYS A 195 33.52 -14.40 -9.03
N ASN A 196 33.13 -14.85 -10.23
CA ASN A 196 33.75 -15.99 -10.92
C ASN A 196 33.70 -17.28 -10.11
N ASN A 197 33.74 -18.42 -10.82
CA ASN A 197 33.56 -19.72 -10.18
C ASN A 197 34.81 -20.21 -9.46
N ALA A 198 36.00 -19.71 -9.80
CA ALA A 198 37.22 -20.11 -9.11
C ALA A 198 37.07 -19.99 -7.60
N GLU A 199 36.60 -18.84 -7.13
CA GLU A 199 36.46 -18.64 -5.70
C GLU A 199 35.25 -19.38 -5.14
N THR A 200 34.17 -19.46 -5.92
CA THR A 200 32.96 -20.15 -5.46
C THR A 200 33.18 -21.64 -5.25
N GLU A 201 34.37 -22.15 -5.55
CA GLU A 201 34.65 -23.55 -5.27
C GLU A 201 35.57 -23.78 -4.09
N LYS A 202 36.23 -22.75 -3.58
CA LYS A 202 36.95 -22.94 -2.33
C LYS A 202 35.99 -22.99 -1.16
N TYR A 203 34.98 -22.14 -1.20
CA TYR A 203 34.06 -21.95 -0.09
C TYR A 203 32.87 -22.89 -0.13
N ARG A 204 32.67 -23.59 -1.25
CA ARG A 204 31.55 -24.52 -1.38
C ARG A 204 31.36 -25.36 -0.12
N ASP A 205 32.40 -26.08 0.29
CA ASP A 205 32.30 -26.96 1.46
C ASP A 205 31.99 -26.16 2.72
N LEU A 206 32.74 -25.08 2.95
CA LEU A 206 32.53 -24.29 4.16
C LEU A 206 31.18 -23.58 4.14
N LEU A 207 30.71 -23.17 2.96
CA LEU A 207 29.37 -22.60 2.86
C LEU A 207 28.30 -23.62 3.24
N LYS A 208 28.44 -24.88 2.77
CA LYS A 208 27.51 -25.91 3.19
C LYS A 208 27.50 -26.07 4.69
N GLU A 209 28.69 -26.07 5.30
CA GLU A 209 28.79 -26.13 6.76
C GLU A 209 27.99 -25.02 7.40
N CYS A 210 28.16 -23.79 6.92
CA CYS A 210 27.44 -22.66 7.49
C CYS A 210 25.93 -22.84 7.36
N ALA A 211 25.46 -23.24 6.18
CA ALA A 211 24.00 -23.39 6.00
C ALA A 211 23.42 -24.36 7.01
N THR A 212 24.13 -25.47 7.26
CA THR A 212 23.68 -26.47 8.20
C THR A 212 23.72 -25.96 9.64
N GLU A 213 24.80 -25.24 10.00
CA GLU A 213 24.90 -24.68 11.34
C GLU A 213 23.84 -23.61 11.58
N ILE A 214 23.53 -22.81 10.55
CA ILE A 214 22.45 -21.85 10.68
C ILE A 214 21.13 -22.58 10.87
N THR A 215 20.90 -23.61 10.06
CA THR A 215 19.70 -24.43 10.20
C THR A 215 19.55 -24.95 11.63
N GLU A 216 20.66 -25.43 12.21
CA GLU A 216 20.55 -26.08 13.53
C GLU A 216 20.26 -25.07 14.63
N VAL A 217 20.91 -23.91 14.59
CA VAL A 217 20.69 -22.92 15.64
C VAL A 217 19.30 -22.31 15.53
N GLU A 218 18.81 -22.08 14.31
CA GLU A 218 17.47 -21.54 14.18
C GLU A 218 16.42 -22.54 14.64
N ASP A 219 16.67 -23.83 14.45
CA ASP A 219 15.78 -24.84 15.00
C ASP A 219 15.68 -24.70 16.50
N LYS A 220 16.79 -24.43 17.18
CA LYS A 220 16.77 -24.33 18.63
C LYS A 220 16.04 -23.06 19.07
N LEU A 221 16.36 -21.93 18.43
CA LEU A 221 15.65 -20.68 18.71
C LEU A 221 14.16 -20.85 18.50
N GLN A 222 13.77 -21.43 17.36
CA GLN A 222 12.37 -21.72 17.10
C GLN A 222 11.78 -22.56 18.21
N GLN A 223 12.51 -23.58 18.65
CA GLN A 223 12.00 -24.46 19.69
C GLN A 223 11.77 -23.69 20.98
N ILE A 224 12.71 -22.82 21.35
CA ILE A 224 12.51 -22.02 22.55
C ILE A 224 11.32 -21.09 22.38
N HIS A 225 11.24 -20.40 21.25
CA HIS A 225 10.17 -19.43 21.06
C HIS A 225 8.80 -20.10 21.11
N SER A 226 8.67 -21.30 20.54
CA SER A 226 7.40 -22.01 20.61
C SER A 226 6.99 -22.29 22.03
N GLU A 227 7.95 -22.67 22.88
CA GLU A 227 7.61 -23.10 24.23
C GLU A 227 7.16 -21.92 25.09
N ILE A 228 7.80 -20.76 24.91
CA ILE A 228 7.47 -19.59 25.72
C ILE A 228 6.26 -18.83 25.22
N THR A 229 5.62 -19.28 24.16
CA THR A 229 4.41 -18.63 23.64
C THR A 229 3.22 -19.57 23.61
N GLU A 230 3.34 -20.77 24.18
CA GLU A 230 2.24 -21.72 24.25
C GLU A 230 0.95 -21.06 24.76
N ALA B 31 -15.58 -6.09 36.54
CA ALA B 31 -15.63 -5.83 35.10
C ALA B 31 -16.42 -4.57 34.80
N PHE B 32 -15.72 -3.44 34.73
CA PHE B 32 -16.31 -2.18 34.33
C PHE B 32 -16.15 -2.04 32.81
N ASP B 33 -16.36 -0.84 32.28
CA ASP B 33 -16.29 -0.59 30.84
C ASP B 33 -14.86 -0.71 30.30
N THR B 34 -14.25 -1.88 30.43
CA THR B 34 -12.98 -2.13 29.78
C THR B 34 -13.17 -2.24 28.27
N LEU B 35 -13.70 -1.19 27.64
CA LEU B 35 -13.91 -1.18 26.20
C LEU B 35 -12.59 -1.11 25.44
N LEU B 36 -11.81 -2.20 25.49
CA LEU B 36 -10.65 -2.37 24.63
C LEU B 36 -11.02 -2.30 23.16
N GLY B 37 -12.29 -2.58 22.84
CA GLY B 37 -12.74 -2.60 21.46
C GLY B 37 -12.27 -1.42 20.64
N PHE B 38 -12.12 -0.25 21.27
CA PHE B 38 -11.71 0.92 20.51
C PHE B 38 -10.27 0.80 20.04
N VAL B 39 -9.42 0.10 20.78
CA VAL B 39 -8.07 -0.18 20.31
C VAL B 39 -8.11 -1.11 19.08
N GLU B 40 -9.02 -2.08 19.09
CA GLU B 40 -9.25 -2.89 17.89
C GLU B 40 -9.64 -2.02 16.71
N LEU B 41 -10.62 -1.13 16.91
CA LEU B 41 -11.05 -0.22 15.85
C LEU B 41 -9.88 0.51 15.22
N ASP B 42 -9.05 1.12 16.07
CA ASP B 42 -7.92 1.90 15.56
C ASP B 42 -7.02 1.04 14.69
N HIS B 43 -6.81 -0.21 15.08
CA HIS B 43 -5.91 -1.09 14.36
C HIS B 43 -6.43 -1.39 12.96
N ILE B 44 -7.71 -1.77 12.86
CA ILE B 44 -8.19 -2.22 11.54
C ILE B 44 -8.53 -1.02 10.65
N TYR B 45 -9.01 0.10 11.20
CA TYR B 45 -9.22 1.27 10.37
C TYR B 45 -7.91 1.88 9.89
N SER B 46 -6.85 1.77 10.69
CA SER B 46 -5.53 2.15 10.20
C SER B 46 -5.11 1.29 9.01
N SER B 47 -5.44 -0.01 9.04
CA SER B 47 -5.15 -0.87 7.90
C SER B 47 -5.95 -0.45 6.66
N ALA B 48 -7.21 -0.08 6.85
CA ALA B 48 -8.00 0.40 5.72
C ALA B 48 -7.35 1.62 5.07
N LEU B 49 -6.79 2.52 5.89
CA LEU B 49 -6.12 3.69 5.36
C LEU B 49 -4.95 3.30 4.47
N LYS B 50 -4.17 2.30 4.91
CA LYS B 50 -3.08 1.82 4.07
C LYS B 50 -3.58 1.28 2.73
N GLU B 51 -4.71 0.57 2.74
CA GLU B 51 -5.25 0.04 1.49
C GLU B 51 -5.64 1.16 0.53
N ILE B 52 -6.36 2.16 1.02
CA ILE B 52 -6.80 3.25 0.15
C ILE B 52 -5.60 4.08 -0.29
N SER B 53 -4.70 4.40 0.64
CA SER B 53 -3.52 5.19 0.27
C SER B 53 -2.77 4.53 -0.88
N THR B 54 -2.56 3.21 -0.79
CA THR B 54 -1.86 2.49 -1.85
C THR B 54 -2.60 2.63 -3.17
N LYS B 55 -3.94 2.51 -3.15
CA LYS B 55 -4.71 2.69 -4.38
C LYS B 55 -4.49 4.06 -4.98
N LEU B 56 -4.60 5.11 -4.15
CA LEU B 56 -4.49 6.48 -4.63
C LEU B 56 -3.09 6.75 -5.18
N SER B 57 -2.06 6.31 -4.46
CA SER B 57 -0.69 6.53 -4.92
C SER B 57 -0.48 5.90 -6.30
N ILE B 58 -0.99 4.69 -6.52
CA ILE B 58 -0.85 4.02 -7.82
C ILE B 58 -1.58 4.79 -8.93
N LEU B 59 -2.79 5.28 -8.64
CA LEU B 59 -3.53 6.08 -9.62
C LEU B 59 -2.77 7.34 -10.00
N ASP B 60 -2.26 8.07 -9.00
CA ASP B 60 -1.49 9.27 -9.27
C ASP B 60 -0.26 8.97 -10.10
N ASP B 61 0.48 7.91 -9.73
N ASP B 61 0.48 7.91 -9.72
CA ASP B 61 1.70 7.57 -10.46
CA ASP B 61 1.68 7.54 -10.45
C ASP B 61 1.38 7.20 -11.91
C ASP B 61 1.36 7.23 -11.91
N ASN B 62 0.27 6.50 -12.14
CA ASN B 62 -0.05 6.07 -13.49
C ASN B 62 -0.58 7.22 -14.35
N PHE B 63 -1.45 8.06 -13.79
CA PHE B 63 -1.88 9.24 -14.54
C PHE B 63 -0.66 10.06 -14.94
N ASN B 64 0.29 10.23 -14.03
CA ASN B 64 1.52 10.93 -14.36
C ASN B 64 2.29 10.23 -15.47
N HIS B 65 2.38 8.90 -15.42
CA HIS B 65 3.11 8.16 -16.43
C HIS B 65 2.52 8.39 -17.82
N ILE B 66 1.20 8.48 -17.92
CA ILE B 66 0.52 8.60 -19.22
C ILE B 66 0.44 10.05 -19.68
N TYR B 67 -0.02 10.95 -18.81
CA TYR B 67 -0.33 12.31 -19.21
C TYR B 67 0.67 13.34 -18.73
N LYS B 68 1.67 12.93 -17.93
CA LYS B 68 2.71 13.85 -17.46
C LYS B 68 2.17 14.90 -16.50
N HIS B 69 1.13 14.56 -15.73
CA HIS B 69 0.61 15.41 -14.68
C HIS B 69 0.29 14.54 -13.46
N ASN B 70 0.71 14.98 -12.27
CA ASN B 70 0.27 14.38 -11.01
C ASN B 70 -0.96 15.12 -10.49
N PRO B 71 -2.15 14.53 -10.49
CA PRO B 71 -3.31 15.23 -9.89
C PRO B 71 -3.18 15.40 -8.40
N ILE B 72 -2.43 14.54 -7.71
CA ILE B 72 -2.31 14.62 -6.26
C ILE B 72 -1.10 15.47 -5.91
N HIS B 73 -1.33 16.46 -5.05
CA HIS B 73 -0.22 17.21 -4.46
C HIS B 73 0.36 16.47 -3.26
N HIS B 74 -0.50 16.09 -2.32
CA HIS B 74 -0.05 15.29 -1.20
C HIS B 74 -1.29 14.72 -0.52
N MET B 75 -1.05 13.83 0.45
CA MET B 75 -2.11 13.16 1.17
C MET B 75 -1.80 13.20 2.65
N GLU B 76 -2.86 13.19 3.46
CA GLU B 76 -2.75 13.16 4.91
C GLU B 76 -3.77 12.15 5.42
N ARG B 77 -3.34 11.30 6.33
CA ARG B 77 -4.19 10.25 6.90
C ARG B 77 -4.26 10.45 8.40
N ARG B 78 -5.39 10.08 9.00
CA ARG B 78 -5.49 10.06 10.44
C ARG B 78 -6.61 9.11 10.82
N VAL B 79 -6.40 8.37 11.92
CA VAL B 79 -7.48 7.62 12.55
C VAL B 79 -8.07 8.49 13.65
N LYS B 80 -9.38 8.64 13.66
CA LYS B 80 -10.05 9.43 14.68
C LYS B 80 -9.62 9.00 16.07
N GLU B 81 -9.17 9.95 16.88
CA GLU B 81 -8.80 9.64 18.25
C GLU B 81 -10.01 9.19 19.05
N MET B 82 -9.76 8.29 20.00
CA MET B 82 -10.84 7.75 20.83
C MET B 82 -11.57 8.87 21.56
N ARG B 83 -10.84 9.91 21.97
CA ARG B 83 -11.45 11.05 22.64
C ARG B 83 -12.52 11.66 21.75
N SER B 84 -12.13 12.03 20.52
CA SER B 84 -13.07 12.63 19.57
C SER B 84 -14.19 11.67 19.21
N LEU B 85 -13.88 10.36 19.16
CA LEU B 85 -14.87 9.37 18.77
C LEU B 85 -16.00 9.27 19.79
N ILE B 86 -15.65 9.18 21.08
CA ILE B 86 -16.69 9.10 22.10
C ILE B 86 -17.55 10.35 22.10
N GLU B 87 -16.92 11.51 21.90
CA GLU B 87 -17.69 12.76 21.86
C GLU B 87 -18.69 12.73 20.71
N LYS B 88 -18.28 12.23 19.55
CA LYS B 88 -19.20 12.19 18.41
C LYS B 88 -20.37 11.27 18.72
N LEU B 89 -20.10 10.08 19.28
CA LEU B 89 -21.17 9.17 19.67
C LEU B 89 -22.13 9.82 20.65
N ASN B 90 -21.60 10.53 21.66
CA ASN B 90 -22.47 11.26 22.58
C ASN B 90 -23.24 12.34 21.84
N ARG B 91 -22.55 13.10 20.99
CA ARG B 91 -23.17 14.18 20.25
C ARG B 91 -24.38 13.69 19.46
N LYS B 92 -24.31 12.47 18.93
CA LYS B 92 -25.36 11.89 18.12
C LYS B 92 -26.38 11.08 18.93
N GLY B 93 -26.23 11.02 20.25
CA GLY B 93 -27.14 10.26 21.08
C GLY B 93 -26.95 8.77 21.04
N LEU B 94 -25.77 8.30 20.63
CA LEU B 94 -25.49 6.89 20.43
C LEU B 94 -24.77 6.29 21.64
N GLN B 95 -24.88 4.97 21.77
CA GLN B 95 -24.19 4.25 22.83
C GLN B 95 -22.68 4.40 22.68
N ILE B 96 -21.97 4.31 23.81
CA ILE B 96 -20.50 4.44 23.82
C ILE B 96 -19.93 3.03 23.69
N SER B 97 -19.84 2.57 22.44
CA SER B 97 -19.30 1.23 22.19
C SER B 97 -18.64 1.18 20.82
N ALA B 98 -17.64 0.31 20.69
CA ALA B 98 -16.94 0.17 19.41
C ALA B 98 -17.88 -0.37 18.34
N GLU B 99 -18.73 -1.33 18.72
CA GLU B 99 -19.72 -1.87 17.80
C GLU B 99 -20.60 -0.76 17.23
N THR B 100 -21.06 0.13 18.11
CA THR B 100 -21.90 1.25 17.67
C THR B 100 -21.11 2.23 16.83
N ALA B 101 -19.83 2.44 17.19
CA ALA B 101 -18.98 3.34 16.40
C ALA B 101 -18.80 2.78 14.99
N LYS B 102 -18.48 1.50 14.88
CA LYS B 102 -18.26 0.88 13.57
C LYS B 102 -19.52 0.95 12.72
N GLU B 103 -20.69 0.96 13.36
CA GLU B 103 -21.96 1.03 12.65
C GLU B 103 -22.31 2.44 12.18
N HIS B 104 -22.05 3.46 13.01
CA HIS B 104 -22.64 4.77 12.80
C HIS B 104 -21.65 5.87 12.44
N ILE B 105 -20.36 5.68 12.69
CA ILE B 105 -19.36 6.72 12.45
C ILE B 105 -18.59 6.34 11.20
N LEU B 106 -18.71 7.15 10.16
CA LEU B 106 -18.13 6.85 8.85
C LEU B 106 -16.76 7.50 8.66
N ASP B 107 -16.29 8.31 9.59
CA ASP B 107 -15.00 8.98 9.47
C ASP B 107 -13.98 8.51 10.50
N ILE B 108 -14.12 7.31 11.05
CA ILE B 108 -13.07 6.77 11.91
C ILE B 108 -11.74 6.77 11.17
N ALA B 109 -11.76 6.27 9.93
CA ALA B 109 -10.62 6.38 9.03
C ALA B 109 -10.87 7.57 8.11
N GLY B 110 -9.96 8.53 8.12
CA GLY B 110 -10.03 9.66 7.20
C GLY B 110 -8.77 9.83 6.41
N ILE B 111 -8.90 10.07 5.11
CA ILE B 111 -7.78 10.47 4.28
C ILE B 111 -8.16 11.75 3.53
N ARG B 112 -7.19 12.65 3.42
CA ARG B 112 -7.35 13.93 2.73
C ARG B 112 -6.42 13.91 1.51
N VAL B 113 -7.00 14.10 0.35
CA VAL B 113 -6.28 14.08 -0.91
C VAL B 113 -6.24 15.52 -1.41
N VAL B 114 -5.08 16.16 -1.32
CA VAL B 114 -4.97 17.54 -1.76
C VAL B 114 -4.47 17.52 -3.21
N CYS B 115 -5.25 18.15 -4.10
CA CYS B 115 -5.00 18.10 -5.53
C CYS B 115 -4.38 19.41 -6.04
N ASN B 116 -3.70 19.30 -7.18
CA ASN B 116 -3.03 20.48 -7.75
C ASN B 116 -4.00 21.44 -8.42
N TYR B 117 -5.02 20.93 -9.11
CA TYR B 117 -6.00 21.75 -9.81
C TYR B 117 -7.40 21.24 -9.53
N LEU B 118 -8.37 22.13 -9.74
CA LEU B 118 -9.76 21.83 -9.40
C LEU B 118 -10.25 20.56 -10.08
N ASP B 119 -9.97 20.41 -11.38
CA ASP B 119 -10.47 19.22 -12.08
C ASP B 119 -9.79 17.93 -11.60
N ASP B 120 -8.60 18.02 -11.00
CA ASP B 120 -7.98 16.83 -10.41
C ASP B 120 -8.89 16.19 -9.37
N ILE B 121 -9.68 17.01 -8.66
CA ILE B 121 -10.56 16.49 -7.63
C ILE B 121 -11.50 15.44 -8.21
N TYR B 122 -12.15 15.78 -9.32
CA TYR B 122 -13.14 14.91 -9.94
C TYR B 122 -12.48 13.79 -10.74
N LEU B 123 -11.28 14.03 -11.24
CA LEU B 123 -10.50 12.97 -11.86
C LEU B 123 -10.22 11.87 -10.84
N ILE B 124 -9.73 12.26 -9.65
CA ILE B 124 -9.43 11.29 -8.60
C ILE B 124 -10.67 10.50 -8.23
N GLU B 125 -11.79 11.20 -8.01
CA GLU B 125 -13.04 10.53 -7.67
C GLU B 125 -13.43 9.49 -8.73
N GLU B 126 -13.47 9.91 -10.00
CA GLU B 126 -13.84 8.99 -11.08
C GLU B 126 -12.92 7.75 -11.08
N MET B 127 -11.60 7.95 -10.97
CA MET B 127 -10.65 6.85 -11.06
C MET B 127 -10.84 5.86 -9.91
N LEU B 128 -11.12 6.38 -8.71
CA LEU B 128 -11.25 5.49 -7.57
C LEU B 128 -12.54 4.67 -7.66
N LEU B 129 -13.65 5.32 -8.03
CA LEU B 129 -14.94 4.65 -8.09
C LEU B 129 -15.03 3.64 -9.22
N LYS B 130 -14.18 3.75 -10.25
CA LYS B 130 -14.14 2.71 -11.28
C LYS B 130 -13.63 1.38 -10.73
N GLN B 131 -12.88 1.37 -9.63
CA GLN B 131 -12.26 0.13 -9.18
C GLN B 131 -13.31 -0.82 -8.61
N GLU B 132 -13.16 -2.13 -8.92
CA GLU B 132 -14.23 -3.07 -8.64
C GLU B 132 -14.37 -3.40 -7.16
N ASP B 133 -13.31 -3.25 -6.35
CA ASP B 133 -13.46 -3.55 -4.93
C ASP B 133 -13.69 -2.29 -4.09
N VAL B 134 -14.08 -1.18 -4.73
CA VAL B 134 -14.39 0.08 -4.05
C VAL B 134 -15.88 0.35 -4.20
N GLN B 135 -16.58 0.50 -3.09
CA GLN B 135 -18.00 0.83 -3.09
C GLN B 135 -18.25 2.20 -2.46
N LEU B 136 -19.04 3.01 -3.17
CA LEU B 136 -19.47 4.32 -2.68
C LEU B 136 -20.53 4.14 -1.61
N ILE B 137 -20.39 4.86 -0.50
CA ILE B 137 -21.36 4.82 0.57
C ILE B 137 -22.08 6.16 0.73
N LYS B 138 -21.39 7.28 0.54
CA LYS B 138 -21.93 8.60 0.81
C LYS B 138 -21.12 9.66 0.05
N ARG B 139 -21.79 10.69 -0.43
CA ARG B 139 -21.14 11.75 -1.20
C ARG B 139 -21.72 13.10 -0.80
N LYS B 140 -20.86 14.05 -0.39
CA LYS B 140 -21.25 15.44 -0.16
C LYS B 140 -20.24 16.35 -0.84
N ASP B 141 -20.70 17.17 -1.76
CA ASP B 141 -19.82 18.03 -2.56
C ASP B 141 -20.00 19.47 -2.07
N TYR B 142 -19.11 19.91 -1.18
CA TYR B 142 -19.11 21.31 -0.73
C TYR B 142 -18.38 22.22 -1.68
N ILE B 143 -17.94 21.72 -2.83
CA ILE B 143 -17.43 22.58 -3.90
C ILE B 143 -18.59 23.15 -4.71
N GLN B 144 -19.50 22.28 -5.18
CA GLN B 144 -20.66 22.80 -5.89
C GLN B 144 -21.59 23.54 -4.94
N HIS B 145 -21.58 23.20 -3.64
CA HIS B 145 -22.46 23.83 -2.65
C HIS B 145 -21.68 24.18 -1.39
N PRO B 146 -20.88 25.26 -1.43
CA PRO B 146 -20.02 25.62 -0.29
C PRO B 146 -20.82 25.88 0.98
N LYS B 147 -20.21 25.57 2.13
CA LYS B 147 -20.87 25.87 3.39
C LYS B 147 -20.96 27.38 3.60
N GLU B 148 -21.81 27.77 4.56
CA GLU B 148 -22.04 29.18 4.86
C GLU B 148 -20.74 29.94 5.11
N ASN B 149 -19.82 29.34 5.87
CA ASN B 149 -18.56 30.02 6.19
C ASN B 149 -17.60 30.07 5.02
N GLY B 150 -17.89 29.38 3.91
CA GLY B 150 -17.00 29.35 2.77
C GLY B 150 -16.25 28.04 2.58
N TYR B 151 -16.48 27.04 3.42
CA TYR B 151 -15.77 25.77 3.29
C TYR B 151 -16.11 25.11 1.96
N ARG B 152 -15.08 24.54 1.32
N ARG B 152 -15.08 24.52 1.34
CA ARG B 152 -15.21 23.80 0.07
CA ARG B 152 -15.27 23.79 0.08
C ARG B 152 -14.36 22.55 0.12
C ARG B 152 -14.36 22.57 0.06
N SER B 153 -14.92 21.44 -0.38
CA SER B 153 -14.23 20.16 -0.48
C SER B 153 -15.22 19.15 -1.02
N LEU B 154 -14.74 18.09 -1.67
CA LEU B 154 -15.57 16.95 -2.00
C LEU B 154 -15.34 15.84 -0.98
N HIS B 155 -16.41 15.38 -0.36
CA HIS B 155 -16.37 14.31 0.62
C HIS B 155 -17.05 13.08 0.04
N ILE B 156 -16.32 11.98 -0.07
CA ILE B 156 -16.90 10.68 -0.41
C ILE B 156 -16.45 9.66 0.63
N VAL B 157 -17.41 8.92 1.16
CA VAL B 157 -17.13 7.76 2.01
C VAL B 157 -17.22 6.54 1.13
N VAL B 158 -16.15 5.73 1.12
CA VAL B 158 -16.11 4.48 0.38
C VAL B 158 -15.73 3.36 1.34
N SER B 159 -16.14 2.15 1.00
CA SER B 159 -15.68 0.97 1.72
C SER B 159 -14.62 0.23 0.89
N ILE B 160 -13.71 -0.44 1.59
CA ILE B 160 -12.74 -1.33 0.96
C ILE B 160 -12.53 -2.54 1.84
N PRO B 161 -12.21 -3.68 1.21
CA PRO B 161 -11.92 -4.89 2.00
C PRO B 161 -10.53 -4.80 2.62
N VAL B 162 -10.42 -5.26 3.85
CA VAL B 162 -9.15 -5.33 4.58
C VAL B 162 -8.93 -6.78 4.97
N PHE B 163 -7.84 -7.37 4.47
CA PHE B 163 -7.59 -8.78 4.71
C PHE B 163 -6.72 -8.94 5.95
N LEU B 164 -7.32 -9.41 7.04
CA LEU B 164 -6.60 -9.56 8.28
C LEU B 164 -6.07 -10.99 8.42
N ALA B 165 -5.46 -11.27 9.57
CA ALA B 165 -4.84 -12.57 9.77
C ALA B 165 -5.85 -13.71 9.64
N GLU B 166 -7.08 -13.52 10.12
CA GLU B 166 -8.04 -14.60 10.20
C GLU B 166 -9.42 -14.24 9.69
N ARG B 167 -9.61 -13.05 9.13
CA ARG B 167 -10.91 -12.67 8.62
C ARG B 167 -10.72 -11.50 7.64
N VAL B 168 -11.82 -11.16 6.98
CA VAL B 168 -11.92 -10.00 6.11
C VAL B 168 -12.86 -8.99 6.77
N GLU B 169 -12.46 -7.72 6.75
CA GLU B 169 -13.33 -6.62 7.15
C GLU B 169 -13.53 -5.68 5.97
N VAL B 170 -14.77 -5.27 5.74
CA VAL B 170 -15.11 -4.27 4.74
C VAL B 170 -15.42 -2.97 5.48
N LEU B 171 -14.53 -1.99 5.35
CA LEU B 171 -14.57 -0.84 6.23
C LEU B 171 -14.76 0.45 5.46
N PRO B 172 -15.52 1.38 6.00
CA PRO B 172 -15.64 2.71 5.38
C PRO B 172 -14.44 3.60 5.67
N VAL B 173 -14.12 4.44 4.69
CA VAL B 173 -13.04 5.41 4.77
C VAL B 173 -13.57 6.72 4.21
N GLU B 174 -13.45 7.80 4.99
CA GLU B 174 -13.90 9.12 4.56
C GLU B 174 -12.76 9.81 3.80
N ILE B 175 -13.01 10.12 2.53
CA ILE B 175 -12.02 10.78 1.70
C ILE B 175 -12.47 12.22 1.48
N GLN B 176 -11.67 13.16 1.95
CA GLN B 176 -11.86 14.58 1.67
C GLN B 176 -10.93 14.94 0.52
N ILE B 177 -11.50 15.34 -0.61
CA ILE B 177 -10.74 15.70 -1.81
C ILE B 177 -10.90 17.21 -2.04
N ARG B 178 -9.78 17.92 -2.14
CA ARG B 178 -9.78 19.37 -2.20
C ARG B 178 -8.53 19.85 -2.94
N THR B 179 -8.57 21.11 -3.39
CA THR B 179 -7.36 21.69 -3.97
C THR B 179 -6.44 22.19 -2.88
N ILE B 180 -5.20 22.50 -3.28
CA ILE B 180 -4.25 23.19 -2.40
C ILE B 180 -4.87 24.45 -1.82
N GLY B 181 -5.55 25.23 -2.65
CA GLY B 181 -6.13 26.48 -2.15
C GLY B 181 -7.21 26.25 -1.11
N MET B 182 -8.12 25.30 -1.38
CA MET B 182 -9.12 24.93 -0.38
C MET B 182 -8.46 24.47 0.92
N ASP B 183 -7.36 23.73 0.81
CA ASP B 183 -6.67 23.23 1.99
C ASP B 183 -6.05 24.34 2.83
N MET B 184 -5.37 25.29 2.18
N MET B 184 -5.35 25.29 2.19
CA MET B 184 -4.84 26.44 2.91
CA MET B 184 -4.84 26.44 2.94
C MET B 184 -5.94 27.18 3.66
C MET B 184 -5.98 27.13 3.70
N TRP B 185 -7.10 27.33 3.02
CA TRP B 185 -8.21 28.02 3.66
C TRP B 185 -8.71 27.24 4.87
N ALA B 186 -8.94 25.93 4.70
CA ALA B 186 -9.47 25.10 5.77
C ALA B 186 -8.53 25.07 6.98
N SER B 187 -7.22 24.95 6.74
CA SER B 187 -6.28 24.97 7.86
C SER B 187 -6.41 26.25 8.67
N LEU B 188 -6.53 27.39 8.01
CA LEU B 188 -6.65 28.65 8.75
C LEU B 188 -7.98 28.72 9.49
N GLU B 189 -9.09 28.35 8.84
CA GLU B 189 -10.39 28.42 9.51
C GLU B 189 -10.44 27.47 10.69
N HIS B 190 -9.87 26.28 10.54
CA HIS B 190 -9.81 25.32 11.65
C HIS B 190 -9.10 25.93 12.84
N LYS B 191 -7.99 26.64 12.59
CA LYS B 191 -7.23 27.21 13.70
C LYS B 191 -8.03 28.26 14.45
N ILE B 192 -8.90 28.99 13.74
CA ILE B 192 -9.78 29.96 14.41
C ILE B 192 -10.78 29.24 15.30
N ARG B 193 -11.56 28.33 14.71
CA ARG B 193 -12.65 27.68 15.43
C ARG B 193 -12.18 26.99 16.71
N TYR B 194 -10.95 26.45 16.70
CA TYR B 194 -10.39 25.67 17.80
C TYR B 194 -9.67 26.51 18.85
N LYS B 195 -10.35 27.54 19.34
CA LYS B 195 -9.95 28.25 20.55
C LYS B 195 -11.25 28.40 21.34
N ASN B 196 -11.26 29.31 22.32
CA ASN B 196 -12.54 29.66 22.90
C ASN B 196 -13.37 30.04 21.70
N ASN B 197 -14.28 29.15 21.28
CA ASN B 197 -14.86 29.29 19.94
C ASN B 197 -15.79 30.49 19.86
N ALA B 198 -16.38 30.91 20.97
CA ALA B 198 -17.14 32.16 20.97
C ALA B 198 -16.27 33.32 20.51
N GLU B 199 -15.09 33.47 21.10
CA GLU B 199 -14.20 34.56 20.78
C GLU B 199 -13.48 34.32 19.46
N THR B 200 -13.44 35.35 18.61
CA THR B 200 -12.78 35.33 17.32
C THR B 200 -13.72 34.85 16.22
N GLU B 201 -14.97 35.32 16.27
CA GLU B 201 -15.94 35.12 15.19
C GLU B 201 -16.17 36.42 14.42
N LYS B 202 -15.31 37.42 14.66
CA LYS B 202 -15.27 38.62 13.86
C LYS B 202 -14.72 38.34 12.46
N TYR B 203 -13.84 37.34 12.31
CA TYR B 203 -13.17 37.06 11.05
C TYR B 203 -14.04 36.32 10.05
N ARG B 204 -15.23 35.87 10.46
CA ARG B 204 -16.14 35.21 9.52
C ARG B 204 -16.20 35.93 8.18
N ASP B 205 -16.42 37.25 8.21
CA ASP B 205 -16.55 38.00 6.96
C ASP B 205 -15.27 37.93 6.14
N LEU B 206 -14.13 38.18 6.78
CA LEU B 206 -12.85 38.22 6.08
C LEU B 206 -12.41 36.83 5.58
N LEU B 207 -12.75 35.77 6.30
CA LEU B 207 -12.47 34.42 5.81
C LEU B 207 -13.27 34.13 4.55
N LYS B 208 -14.55 34.53 4.53
CA LYS B 208 -15.38 34.35 3.34
C LYS B 208 -14.77 35.06 2.13
N GLU B 209 -14.25 36.27 2.33
CA GLU B 209 -13.57 36.96 1.24
C GLU B 209 -12.43 36.11 0.69
N CYS B 210 -11.60 35.57 1.59
CA CYS B 210 -10.46 34.77 1.18
C CYS B 210 -10.90 33.55 0.37
N ALA B 211 -11.93 32.84 0.85
CA ALA B 211 -12.41 31.67 0.12
C ALA B 211 -12.82 32.04 -1.30
N THR B 212 -13.48 33.19 -1.45
CA THR B 212 -13.90 33.63 -2.78
C THR B 212 -12.69 33.99 -3.62
N GLU B 213 -11.70 34.66 -3.02
CA GLU B 213 -10.49 35.05 -3.74
C GLU B 213 -9.67 33.83 -4.14
N ILE B 214 -9.59 32.84 -3.25
CA ILE B 214 -8.89 31.61 -3.59
C ILE B 214 -9.60 30.90 -4.74
N THR B 215 -10.93 30.82 -4.66
CA THR B 215 -11.71 30.21 -5.74
C THR B 215 -11.38 30.87 -7.07
N GLU B 216 -11.32 32.20 -7.09
CA GLU B 216 -11.17 32.91 -8.36
C GLU B 216 -9.77 32.71 -8.94
N VAL B 217 -8.74 32.70 -8.08
CA VAL B 217 -7.40 32.49 -8.61
C VAL B 217 -7.25 31.05 -9.10
N GLU B 218 -7.79 30.09 -8.35
CA GLU B 218 -7.66 28.70 -8.76
C GLU B 218 -8.43 28.43 -10.04
N ASP B 219 -9.58 29.08 -10.23
CA ASP B 219 -10.28 28.98 -11.51
C ASP B 219 -9.38 29.41 -12.65
N LYS B 220 -8.64 30.49 -12.45
CA LYS B 220 -7.78 31.02 -13.51
C LYS B 220 -6.58 30.11 -13.76
N LEU B 221 -5.96 29.62 -12.69
CA LEU B 221 -4.90 28.62 -12.84
C LEU B 221 -5.42 27.41 -13.60
N GLN B 222 -6.59 26.89 -13.20
CA GLN B 222 -7.18 25.76 -13.89
C GLN B 222 -7.41 26.05 -15.37
N GLN B 223 -7.92 27.24 -15.69
CA GLN B 223 -8.18 27.53 -17.10
C GLN B 223 -6.89 27.55 -17.90
N ILE B 224 -5.83 28.11 -17.33
CA ILE B 224 -4.54 28.09 -18.03
C ILE B 224 -4.04 26.66 -18.18
N HIS B 225 -4.09 25.88 -17.11
CA HIS B 225 -3.55 24.51 -17.17
C HIS B 225 -4.30 23.68 -18.20
N SER B 226 -5.62 23.85 -18.29
CA SER B 226 -6.40 23.11 -19.29
C SER B 226 -5.95 23.44 -20.71
N GLU B 227 -5.63 24.72 -20.96
CA GLU B 227 -5.31 25.12 -22.33
C GLU B 227 -3.97 24.57 -22.79
N ILE B 228 -2.98 24.55 -21.90
CA ILE B 228 -1.64 24.09 -22.30
C ILE B 228 -1.50 22.59 -22.29
N THR B 229 -2.56 21.85 -21.94
CA THR B 229 -2.53 20.40 -21.97
C THR B 229 -3.61 19.83 -22.87
N GLU B 230 -4.35 20.68 -23.57
CA GLU B 230 -5.39 20.24 -24.50
C GLU B 230 -6.51 19.49 -23.78
#